data_5V6Z
#
_entry.id   5V6Z
#
_cell.length_a   89.344
_cell.length_b   89.344
_cell.length_c   184.898
_cell.angle_alpha   90.00
_cell.angle_beta   90.00
_cell.angle_gamma   120.00
#
_symmetry.space_group_name_H-M   'P 32 2 1'
#
loop_
_entity.id
_entity.type
_entity.pdbx_description
1 polymer Caspase-7
2 non-polymer '2-{[2-(4-chlorophenyl)-2-oxoethyl]sulfanyl}benzoic acid'
3 water water
#
_entity_poly.entity_id   1
_entity_poly.type   'polypeptide(L)'
_entity_poly.pdbx_seq_one_letter_code
;MADDQGCIEEQGVEDSANEDSVDAKPDRSSFVPSLFSKKKKNVTMRSIKTTRDRVPTYQYNMNFEKLGKCIIINNKNFDK
VTGMGVRNGTDKDAEALFKCFRSLGFDVIVYNDCSCAKMQDLLKKASEEDHTNAACFACILLSHGEENVIYGKDGVTPIK
DLTAHFRGDRCKTLLEKPKLFFIQACRGTELDDGIQADSGPINDTDANPRYKIPVEADFLFAYSTVPGYYSWRSPGRGSW
FVQALCSILEEHGKDLEIMQILTRVNDRVARHFESQSDDPHFHEKKQIPCVVSMLTKELYFSQ
;
_entity_poly.pdbx_strand_id   A,B
#
# COMPACT_ATOMS: atom_id res chain seq x y z
N THR A 57 -13.99 -11.48 -13.51
CA THR A 57 -14.65 -10.17 -13.61
C THR A 57 -13.83 -9.19 -12.77
N TYR A 58 -13.46 -9.67 -11.59
CA TYR A 58 -12.75 -8.90 -10.57
C TYR A 58 -11.34 -9.43 -10.33
N GLN A 59 -10.86 -10.36 -11.16
CA GLN A 59 -9.53 -10.94 -11.01
C GLN A 59 -8.69 -10.67 -12.26
N TYR A 60 -7.38 -10.62 -12.07
CA TYR A 60 -6.48 -10.46 -13.20
C TYR A 60 -6.54 -11.77 -13.97
N ASN A 61 -6.77 -11.67 -15.26
CA ASN A 61 -6.78 -12.82 -16.14
C ASN A 61 -5.44 -13.57 -16.14
N MET A 62 -5.46 -14.85 -15.74
CA MET A 62 -4.27 -15.68 -15.73
C MET A 62 -4.22 -16.70 -16.88
N ASN A 63 -5.09 -16.57 -17.89
CA ASN A 63 -5.09 -17.55 -18.99
C ASN A 63 -4.01 -17.11 -19.98
N PHE A 64 -2.78 -17.52 -19.69
CA PHE A 64 -1.61 -17.21 -20.50
C PHE A 64 -0.68 -18.40 -20.44
N GLU A 65 0.16 -18.52 -21.47
CA GLU A 65 1.07 -19.65 -21.54
C GLU A 65 2.10 -19.61 -20.44
N LYS A 66 2.46 -18.41 -19.97
CA LYS A 66 3.46 -18.24 -18.93
C LYS A 66 2.92 -17.36 -17.82
N LEU A 67 3.29 -17.69 -16.58
CA LEU A 67 2.97 -16.79 -15.49
C LEU A 67 3.71 -15.48 -15.69
N GLY A 68 5.02 -15.57 -15.90
CA GLY A 68 5.79 -14.38 -16.22
C GLY A 68 7.24 -14.53 -15.82
N LYS A 69 8.00 -13.50 -16.15
CA LYS A 69 9.41 -13.50 -15.78
C LYS A 69 9.56 -13.01 -14.34
N CYS A 70 10.58 -13.50 -13.65
CA CYS A 70 10.86 -13.05 -12.30
C CYS A 70 12.36 -12.82 -12.19
N ILE A 71 12.73 -11.57 -12.12
CA ILE A 71 14.11 -11.17 -11.97
C ILE A 71 14.42 -10.97 -10.50
N ILE A 72 15.41 -11.70 -9.99
CA ILE A 72 15.88 -11.57 -8.62
C ILE A 72 17.27 -10.92 -8.70
N ILE A 73 17.41 -9.68 -8.19
CA ILE A 73 18.69 -8.98 -8.15
C ILE A 73 19.24 -9.15 -6.73
N ASN A 74 20.31 -9.92 -6.57
CA ASN A 74 20.89 -10.27 -5.27
C ASN A 74 22.22 -9.57 -5.02
N ASN A 75 22.18 -8.42 -4.34
CA ASN A 75 23.36 -7.65 -4.00
C ASN A 75 23.89 -8.02 -2.60
N LYS A 76 24.99 -8.78 -2.55
CA LYS A 76 25.59 -9.21 -1.28
C LYS A 76 26.86 -8.47 -0.94
N ASN A 77 27.67 -8.20 -1.95
CA ASN A 77 28.97 -7.58 -1.77
C ASN A 77 28.94 -6.23 -2.49
N PHE A 78 29.33 -5.18 -1.79
CA PHE A 78 29.35 -3.87 -2.40
C PHE A 78 30.79 -3.43 -2.52
N ASP A 79 31.04 -2.53 -3.47
CA ASP A 79 32.40 -2.05 -3.71
C ASP A 79 32.85 -1.23 -2.51
N LYS A 80 34.15 -1.34 -2.17
CA LYS A 80 34.69 -0.61 -1.02
C LYS A 80 34.50 0.89 -1.16
N VAL A 81 34.27 1.39 -2.39
CA VAL A 81 33.98 2.80 -2.63
C VAL A 81 32.59 3.18 -2.10
N THR A 82 31.65 2.22 -2.06
CA THR A 82 30.29 2.48 -1.56
C THR A 82 30.22 2.48 -0.04
N GLY A 83 31.03 1.65 0.62
CA GLY A 83 31.05 1.55 2.08
C GLY A 83 29.90 0.80 2.70
N MET A 84 29.33 -0.17 1.99
CA MET A 84 28.28 -1.02 2.53
C MET A 84 28.87 -2.38 2.88
N GLY A 85 28.45 -2.92 4.02
CA GLY A 85 29.01 -4.18 4.48
C GLY A 85 28.41 -5.40 3.78
N VAL A 86 29.15 -6.50 3.85
CA VAL A 86 28.70 -7.75 3.24
C VAL A 86 27.41 -8.18 3.91
N ARG A 87 26.37 -8.41 3.09
CA ARG A 87 25.05 -8.81 3.58
C ARG A 87 24.99 -10.32 3.71
N ASN A 88 25.44 -10.82 4.86
CA ASN A 88 25.41 -12.26 5.10
C ASN A 88 23.95 -12.70 5.21
N GLY A 89 23.65 -13.86 4.62
CA GLY A 89 22.31 -14.40 4.63
C GLY A 89 21.47 -14.05 3.41
N THR A 90 21.88 -13.07 2.58
CA THR A 90 21.10 -12.76 1.39
C THR A 90 21.12 -13.91 0.39
N ASP A 91 22.16 -14.76 0.42
CA ASP A 91 22.17 -15.97 -0.41
C ASP A 91 21.18 -17.00 0.13
N LYS A 92 21.04 -17.08 1.46
CA LYS A 92 19.95 -17.89 2.00
C LYS A 92 18.61 -17.32 1.55
N ASP A 93 18.46 -16.00 1.60
CA ASP A 93 17.23 -15.37 1.11
C ASP A 93 16.98 -15.71 -0.35
N ALA A 94 17.97 -15.40 -1.21
CA ALA A 94 17.86 -15.62 -2.66
C ALA A 94 17.52 -17.07 -2.99
N GLU A 95 18.20 -18.04 -2.38
CA GLU A 95 17.89 -19.43 -2.73
C GLU A 95 16.43 -19.73 -2.44
N ALA A 96 15.95 -19.30 -1.26
CA ALA A 96 14.55 -19.51 -0.91
C ALA A 96 13.63 -18.78 -1.88
N LEU A 97 13.93 -17.52 -2.18
CA LEU A 97 13.08 -16.78 -3.10
C LEU A 97 13.01 -17.51 -4.43
N PHE A 98 14.14 -18.11 -4.85
CA PHE A 98 14.20 -18.79 -6.13
C PHE A 98 13.22 -19.96 -6.16
N LYS A 99 13.19 -20.81 -5.11
CA LYS A 99 12.23 -21.92 -5.12
C LYS A 99 10.78 -21.45 -5.08
N CYS A 100 10.47 -20.45 -4.25
CA CYS A 100 9.09 -20.00 -4.12
C CYS A 100 8.55 -19.57 -5.47
N PHE A 101 9.22 -18.57 -6.06
CA PHE A 101 8.74 -18.00 -7.31
C PHE A 101 8.78 -19.01 -8.44
N ARG A 102 9.69 -19.97 -8.36
CA ARG A 102 9.71 -21.04 -9.36
C ARG A 102 8.48 -21.94 -9.18
N SER A 103 8.18 -22.36 -7.93
CA SER A 103 6.93 -23.11 -7.65
C SER A 103 5.70 -22.36 -8.11
N LEU A 104 5.63 -21.06 -7.84
CA LEU A 104 4.48 -20.33 -8.36
C LEU A 104 4.39 -20.42 -9.87
N GLY A 105 5.50 -20.68 -10.55
CA GLY A 105 5.53 -20.76 -12.00
C GLY A 105 6.23 -19.62 -12.70
N PHE A 106 7.06 -18.85 -12.00
CA PHE A 106 7.78 -17.75 -12.63
C PHE A 106 9.02 -18.29 -13.34
N ASP A 107 9.44 -17.59 -14.38
CA ASP A 107 10.68 -17.95 -15.05
C ASP A 107 11.72 -17.07 -14.36
N VAL A 108 12.36 -17.64 -13.35
CA VAL A 108 13.23 -16.87 -12.47
C VAL A 108 14.68 -16.90 -12.94
N ILE A 109 15.34 -15.76 -12.83
CA ILE A 109 16.76 -15.63 -13.12
C ILE A 109 17.35 -14.77 -12.03
N VAL A 110 18.39 -15.27 -11.36
CA VAL A 110 19.08 -14.57 -10.26
C VAL A 110 20.38 -13.92 -10.76
N TYR A 111 20.49 -12.60 -10.59
CA TYR A 111 21.66 -11.82 -10.92
C TYR A 111 22.29 -11.30 -9.63
N ASN A 112 23.58 -11.60 -9.40
CA ASN A 112 24.30 -11.19 -8.19
C ASN A 112 25.24 -10.02 -8.42
N ASP A 113 25.24 -9.12 -7.42
CA ASP A 113 26.13 -7.96 -7.37
C ASP A 113 25.98 -7.02 -8.56
N CYS A 114 24.75 -6.79 -8.99
CA CYS A 114 24.54 -5.83 -10.06
C CYS A 114 24.94 -4.43 -9.59
N SER A 115 25.12 -3.57 -10.57
CA SER A 115 25.48 -2.18 -10.39
C SER A 115 24.32 -1.33 -10.88
N CYS A 116 24.31 -0.06 -10.48
CA CYS A 116 23.23 0.82 -10.90
C CYS A 116 23.01 0.74 -12.41
N ALA A 117 24.09 0.71 -13.18
CA ALA A 117 23.96 0.63 -14.63
C ALA A 117 23.46 -0.73 -15.07
N LYS A 118 24.02 -1.81 -14.50
CA LYS A 118 23.55 -3.15 -14.84
C LYS A 118 22.07 -3.33 -14.49
N MET A 119 21.67 -2.93 -13.27
CA MET A 119 20.28 -3.07 -12.85
C MET A 119 19.36 -2.31 -13.80
N GLN A 120 19.68 -1.05 -14.07
CA GLN A 120 18.84 -0.25 -14.96
C GLN A 120 18.75 -0.90 -16.33
N ASP A 121 19.86 -1.47 -16.78
CA ASP A 121 19.86 -2.14 -18.07
C ASP A 121 19.09 -3.44 -18.00
N LEU A 122 19.38 -4.25 -16.97
CA LEU A 122 18.65 -5.49 -16.73
C LEU A 122 17.14 -5.24 -16.76
N LEU A 123 16.67 -4.17 -16.12
CA LEU A 123 15.24 -3.93 -16.10
C LEU A 123 14.76 -3.41 -17.45
N LYS A 124 15.56 -2.54 -18.09
CA LYS A 124 15.17 -2.01 -19.39
C LYS A 124 15.04 -3.13 -20.42
N LYS A 125 15.99 -4.07 -20.42
CA LYS A 125 15.89 -5.19 -21.35
C LYS A 125 14.61 -5.97 -21.10
N ALA A 126 14.36 -6.35 -19.83
CA ALA A 126 13.14 -7.06 -19.49
C ALA A 126 11.91 -6.29 -19.96
N SER A 127 11.91 -4.97 -19.74
CA SER A 127 10.77 -4.17 -20.16
C SER A 127 10.64 -4.15 -21.68
N GLU A 128 11.75 -4.33 -22.40
CA GLU A 128 11.67 -4.30 -23.85
C GLU A 128 11.38 -5.67 -24.47
N GLU A 129 11.35 -6.74 -23.67
CA GLU A 129 10.94 -8.05 -24.16
C GLU A 129 9.43 -8.07 -24.46
N ASP A 130 8.97 -9.19 -24.99
CA ASP A 130 7.57 -9.37 -25.36
C ASP A 130 6.85 -10.20 -24.30
N HIS A 131 6.01 -9.55 -23.49
CA HIS A 131 5.26 -10.24 -22.45
C HIS A 131 3.86 -10.66 -22.88
N THR A 132 3.58 -10.69 -24.20
CA THR A 132 2.23 -10.96 -24.69
C THR A 132 1.67 -12.27 -24.15
N ASN A 133 2.52 -13.28 -24.02
CA ASN A 133 2.12 -14.60 -23.57
C ASN A 133 2.33 -14.77 -22.08
N ALA A 134 2.44 -13.66 -21.35
CA ALA A 134 2.74 -13.67 -19.92
C ALA A 134 1.58 -13.04 -19.14
N ALA A 135 1.27 -13.60 -17.95
CA ALA A 135 0.23 -12.98 -17.12
C ALA A 135 0.75 -11.74 -16.39
N CYS A 136 1.96 -11.79 -15.86
CA CYS A 136 2.44 -10.67 -15.09
C CYS A 136 3.95 -10.62 -15.14
N PHE A 137 4.54 -9.77 -14.31
CA PHE A 137 5.97 -9.56 -14.18
C PHE A 137 6.30 -9.35 -12.71
N ALA A 138 7.36 -9.97 -12.25
CA ALA A 138 7.82 -9.82 -10.90
C ALA A 138 9.30 -9.49 -10.92
N CYS A 139 9.73 -8.65 -9.99
CA CYS A 139 11.14 -8.31 -9.83
C CYS A 139 11.39 -8.23 -8.32
N ILE A 140 12.43 -8.92 -7.84
CA ILE A 140 12.79 -8.93 -6.43
C ILE A 140 14.17 -8.31 -6.26
N LEU A 141 14.25 -7.29 -5.40
CA LEU A 141 15.49 -6.57 -5.12
C LEU A 141 15.93 -6.84 -3.68
N LEU A 142 17.07 -7.51 -3.53
CA LEU A 142 17.71 -7.76 -2.23
C LEU A 142 18.96 -6.89 -2.21
N SER A 143 19.04 -5.94 -1.27
CA SER A 143 20.18 -5.02 -1.28
C SER A 143 20.15 -4.16 -0.03
N HIS A 144 21.00 -3.13 -0.04
CA HIS A 144 21.02 -2.07 0.97
C HIS A 144 20.09 -0.97 0.45
N GLY A 145 19.69 -0.05 1.33
CA GLY A 145 18.84 1.01 0.82
C GLY A 145 18.64 2.16 1.79
N GLU A 146 18.19 3.27 1.21
CA GLU A 146 17.88 4.54 1.88
C GLU A 146 16.52 5.01 1.38
N GLU A 147 16.04 6.14 1.91
CA GLU A 147 14.73 6.66 1.52
C GLU A 147 14.65 6.90 0.02
N ASN A 148 13.72 6.19 -0.66
CA ASN A 148 13.42 6.35 -2.08
C ASN A 148 14.50 5.79 -3.00
N VAL A 149 15.50 5.09 -2.45
CA VAL A 149 16.71 4.69 -3.18
C VAL A 149 17.15 3.28 -2.81
N ILE A 150 17.65 2.53 -3.80
CA ILE A 150 18.25 1.21 -3.57
C ILE A 150 19.75 1.32 -3.83
N TYR A 151 20.51 0.42 -3.22
CA TYR A 151 21.96 0.42 -3.38
C TYR A 151 22.43 -0.64 -4.38
N GLY A 152 23.17 -0.20 -5.39
CA GLY A 152 23.90 -1.11 -6.24
C GLY A 152 25.24 -1.44 -5.59
N LYS A 153 26.05 -2.22 -6.31
CA LYS A 153 27.38 -2.48 -5.76
C LYS A 153 28.25 -1.23 -5.87
N ASP A 154 27.96 -0.36 -6.85
CA ASP A 154 28.74 0.83 -7.15
C ASP A 154 28.15 2.12 -6.58
N GLY A 155 26.94 2.08 -6.02
CA GLY A 155 26.33 3.29 -5.48
C GLY A 155 24.84 3.11 -5.23
N VAL A 156 24.10 4.20 -5.40
CA VAL A 156 22.67 4.22 -5.15
C VAL A 156 21.91 4.58 -6.43
N THR A 157 20.69 4.05 -6.55
CA THR A 157 19.78 4.28 -7.70
C THR A 157 18.36 4.37 -7.16
N PRO A 158 17.57 5.33 -7.64
CA PRO A 158 16.18 5.48 -7.15
C PRO A 158 15.28 4.36 -7.68
N ILE A 159 14.55 3.71 -6.77
CA ILE A 159 13.61 2.65 -7.13
C ILE A 159 12.65 3.11 -8.21
N LYS A 160 12.34 4.41 -8.26
CA LYS A 160 11.48 4.92 -9.32
C LYS A 160 12.07 4.65 -10.69
N ASP A 161 13.39 4.66 -10.81
CA ASP A 161 14.01 4.42 -12.12
C ASP A 161 13.89 2.96 -12.52
N LEU A 162 14.09 2.04 -11.58
CA LEU A 162 14.03 0.63 -11.92
C LEU A 162 12.64 0.23 -12.39
N THR A 163 11.59 0.84 -11.82
CA THR A 163 10.20 0.52 -12.17
C THR A 163 9.68 1.30 -13.37
N ALA A 164 10.24 2.49 -13.63
CA ALA A 164 9.75 3.33 -14.72
C ALA A 164 9.72 2.66 -16.08
N HIS A 165 10.62 1.72 -16.33
CA HIS A 165 10.65 1.00 -17.60
C HIS A 165 9.35 0.26 -17.89
N PHE A 166 8.66 -0.20 -16.84
CA PHE A 166 7.46 -1.00 -17.02
C PHE A 166 6.19 -0.19 -16.99
N ARG A 167 6.29 1.14 -16.90
CA ARG A 167 5.07 1.95 -16.93
C ARG A 167 4.24 1.61 -18.16
N GLY A 168 2.94 1.87 -18.10
CA GLY A 168 2.08 1.47 -19.21
C GLY A 168 2.53 1.95 -20.57
N ASP A 169 3.09 3.16 -20.65
CA ASP A 169 3.50 3.68 -21.96
C ASP A 169 4.79 3.08 -22.50
N ARG A 170 5.65 2.48 -21.66
CA ARG A 170 6.93 1.97 -22.13
C ARG A 170 7.05 0.47 -22.19
N CYS A 171 6.03 -0.27 -21.74
CA CYS A 171 6.06 -1.71 -21.78
C CYS A 171 4.64 -2.16 -22.11
N LYS A 172 4.20 -1.77 -23.31
CA LYS A 172 2.80 -1.96 -23.71
C LYS A 172 2.36 -3.40 -23.59
N THR A 173 3.26 -4.36 -23.77
CA THR A 173 2.88 -5.76 -23.75
C THR A 173 2.58 -6.26 -22.33
N LEU A 174 2.84 -5.45 -21.32
CA LEU A 174 2.54 -5.76 -19.92
C LEU A 174 1.46 -4.83 -19.38
N LEU A 175 0.87 -4.03 -20.26
CA LEU A 175 -0.15 -3.10 -19.82
C LEU A 175 -1.39 -3.89 -19.37
N GLU A 176 -2.03 -3.40 -18.31
CA GLU A 176 -3.20 -4.01 -17.67
C GLU A 176 -2.86 -5.36 -17.03
N LYS A 177 -1.58 -5.63 -16.82
CA LYS A 177 -1.15 -6.85 -16.18
C LYS A 177 -0.39 -6.43 -14.94
N PRO A 178 -0.42 -7.19 -13.86
CA PRO A 178 0.30 -6.74 -12.67
C PRO A 178 1.81 -6.86 -12.81
N LYS A 179 2.50 -5.83 -12.30
CA LYS A 179 3.94 -5.74 -12.19
C LYS A 179 4.24 -5.69 -10.70
N LEU A 180 4.86 -6.74 -10.17
CA LEU A 180 5.11 -6.87 -8.75
C LEU A 180 6.57 -6.61 -8.42
N PHE A 181 6.83 -5.76 -7.43
CA PHE A 181 8.18 -5.49 -6.97
C PHE A 181 8.29 -5.79 -5.48
N PHE A 182 9.24 -6.65 -5.12
CA PHE A 182 9.50 -7.01 -3.74
C PHE A 182 10.88 -6.45 -3.39
N ILE A 183 10.94 -5.51 -2.44
CA ILE A 183 12.20 -4.90 -2.06
C ILE A 183 12.49 -5.20 -0.59
N GLN A 184 13.55 -5.95 -0.36
CA GLN A 184 14.15 -6.20 0.94
C GLN A 184 15.42 -5.33 0.99
N ALA A 185 15.37 -4.21 1.72
CA ALA A 185 16.51 -3.30 1.87
C ALA A 185 16.98 -3.34 3.32
N CYS A 186 18.23 -2.94 3.53
CA CYS A 186 18.83 -2.95 4.88
C CYS A 186 19.23 -1.54 5.36
N VAL A 215 -1.08 4.62 -16.13
CA VAL A 215 0.38 4.62 -16.34
C VAL A 215 1.07 4.02 -15.09
N GLU A 216 0.63 4.43 -13.90
CA GLU A 216 1.13 3.86 -12.66
C GLU A 216 0.21 2.80 -12.10
N ALA A 217 -0.84 2.46 -12.84
CA ALA A 217 -1.76 1.42 -12.39
C ALA A 217 -1.15 0.05 -12.59
N ASP A 218 -1.67 -0.90 -11.80
CA ASP A 218 -1.30 -2.31 -11.85
C ASP A 218 0.12 -2.57 -11.40
N PHE A 219 0.67 -1.68 -10.55
CA PHE A 219 1.94 -1.92 -9.88
C PHE A 219 1.64 -2.30 -8.43
N LEU A 220 2.52 -3.09 -7.84
CA LEU A 220 2.44 -3.48 -6.44
C LEU A 220 3.85 -3.60 -5.87
N PHE A 221 4.11 -2.89 -4.79
CA PHE A 221 5.38 -2.89 -4.07
C PHE A 221 5.21 -3.48 -2.69
N ALA A 222 5.92 -4.56 -2.41
CA ALA A 222 6.05 -5.09 -1.05
C ALA A 222 7.43 -4.70 -0.47
N TYR A 223 7.50 -3.62 0.35
CA TYR A 223 8.78 -3.24 0.98
C TYR A 223 9.12 -4.05 2.24
N SER A 224 10.43 -4.22 2.47
CA SER A 224 11.01 -5.08 3.52
C SER A 224 10.22 -5.19 4.79
N SER A 231 13.17 -4.67 8.15
CA SER A 231 14.27 -4.45 7.23
C SER A 231 15.56 -5.02 7.83
N TRP A 232 15.43 -5.78 8.90
CA TRP A 232 16.54 -6.41 9.62
C TRP A 232 16.72 -7.87 9.17
N ARG A 233 17.97 -8.35 9.21
CA ARG A 233 18.32 -9.69 8.72
C ARG A 233 19.38 -10.34 9.60
N SER A 234 19.16 -11.63 9.93
CA SER A 234 20.09 -12.40 10.74
C SER A 234 21.06 -13.18 9.86
N PRO A 235 22.40 -12.94 9.97
CA PRO A 235 23.40 -13.60 9.11
C PRO A 235 23.26 -15.08 8.76
N GLY A 236 22.86 -15.94 9.71
CA GLY A 236 22.79 -17.36 9.43
C GLY A 236 21.47 -17.96 8.98
N ARG A 237 20.35 -17.26 9.11
CA ARG A 237 19.06 -17.83 8.74
C ARG A 237 18.30 -17.02 7.71
N GLY A 238 18.70 -15.78 7.47
CA GLY A 238 18.02 -14.94 6.50
C GLY A 238 17.11 -13.93 7.17
N SER A 239 16.48 -13.13 6.34
CA SER A 239 15.59 -12.10 6.83
C SER A 239 14.26 -12.70 7.28
N TRP A 240 13.63 -12.02 8.25
CA TRP A 240 12.29 -12.40 8.68
C TRP A 240 11.29 -12.30 7.52
N PHE A 241 11.34 -11.17 6.79
CA PHE A 241 10.43 -10.94 5.68
C PHE A 241 10.46 -12.06 4.65
N VAL A 242 11.67 -12.54 4.28
CA VAL A 242 11.77 -13.53 3.21
C VAL A 242 11.35 -14.91 3.70
N GLN A 243 11.76 -15.26 4.93
CA GLN A 243 11.30 -16.53 5.49
C GLN A 243 9.76 -16.58 5.49
N ALA A 244 9.10 -15.52 5.99
CA ALA A 244 7.64 -15.45 6.01
C ALA A 244 7.05 -15.54 4.60
N LEU A 245 7.48 -14.66 3.70
CA LEU A 245 6.95 -14.62 2.34
C LEU A 245 7.04 -15.97 1.64
N CYS A 246 8.16 -16.68 1.82
CA CYS A 246 8.30 -17.99 1.21
C CYS A 246 7.47 -19.05 1.90
N SER A 247 7.42 -19.03 3.23
CA SER A 247 6.61 -20.02 3.91
C SER A 247 5.14 -19.87 3.53
N ILE A 248 4.61 -18.64 3.49
CA ILE A 248 3.19 -18.44 3.13
C ILE A 248 2.94 -18.91 1.70
N LEU A 249 3.77 -18.43 0.76
CA LEU A 249 3.62 -18.76 -0.67
C LEU A 249 3.71 -20.25 -0.93
N GLU A 250 4.60 -20.97 -0.21
CA GLU A 250 4.62 -22.41 -0.40
C GLU A 250 3.26 -23.03 -0.11
N GLU A 251 2.67 -22.67 1.02
CA GLU A 251 1.42 -23.30 1.39
C GLU A 251 0.19 -22.67 0.74
N HIS A 252 0.17 -21.35 0.53
CA HIS A 252 -1.03 -20.70 0.02
C HIS A 252 -0.89 -19.94 -1.29
N GLY A 253 0.29 -19.94 -1.90
CA GLY A 253 0.51 -19.23 -3.14
C GLY A 253 -0.52 -19.49 -4.21
N LYS A 254 -1.06 -20.70 -4.24
CA LYS A 254 -2.00 -21.01 -5.31
C LYS A 254 -3.47 -20.75 -4.95
N ASP A 255 -3.80 -20.52 -3.68
CA ASP A 255 -5.20 -20.37 -3.30
C ASP A 255 -5.60 -19.04 -2.64
N LEU A 256 -4.67 -18.15 -2.33
CA LEU A 256 -5.00 -16.87 -1.72
C LEU A 256 -4.67 -15.72 -2.67
N GLU A 257 -5.41 -14.61 -2.52
CA GLU A 257 -5.14 -13.40 -3.26
C GLU A 257 -3.87 -12.75 -2.69
N ILE A 258 -3.14 -12.02 -3.56
CA ILE A 258 -1.85 -11.42 -3.19
C ILE A 258 -1.94 -10.66 -1.86
N MET A 259 -2.98 -9.82 -1.70
CA MET A 259 -3.13 -9.04 -0.46
C MET A 259 -3.32 -9.93 0.76
N GLN A 260 -3.98 -11.09 0.62
CA GLN A 260 -4.15 -11.98 1.76
C GLN A 260 -2.80 -12.55 2.16
N ILE A 261 -2.05 -13.06 1.17
CA ILE A 261 -0.69 -13.54 1.38
C ILE A 261 0.16 -12.47 2.03
N LEU A 262 0.21 -11.28 1.42
CA LEU A 262 1.07 -10.23 1.99
C LEU A 262 0.59 -9.79 3.38
N THR A 263 -0.71 -9.78 3.63
CA THR A 263 -1.14 -9.41 4.97
C THR A 263 -0.68 -10.46 5.99
N ARG A 264 -0.77 -11.75 5.60
CA ARG A 264 -0.27 -12.78 6.49
C ARG A 264 1.23 -12.62 6.72
N VAL A 265 1.98 -12.20 5.69
CA VAL A 265 3.42 -11.99 5.89
C VAL A 265 3.63 -10.85 6.87
N ASN A 266 2.85 -9.78 6.72
CA ASN A 266 2.94 -8.62 7.61
C ASN A 266 2.80 -9.06 9.07
N ASP A 267 1.77 -9.85 9.34
CA ASP A 267 1.53 -10.32 10.69
C ASP A 267 2.62 -11.27 11.17
N ARG A 268 3.06 -12.20 10.31
CA ARG A 268 4.11 -13.14 10.69
C ARG A 268 5.39 -12.38 11.08
N VAL A 269 5.76 -11.37 10.30
CA VAL A 269 6.95 -10.58 10.61
C VAL A 269 6.77 -9.78 11.89
N ALA A 270 5.59 -9.17 12.05
CA ALA A 270 5.33 -8.40 13.26
C ALA A 270 5.38 -9.29 14.50
N ARG A 271 4.80 -10.49 14.44
CA ARG A 271 4.77 -11.29 15.65
C ARG A 271 5.97 -12.20 15.88
N HIS A 272 6.79 -12.48 14.88
CA HIS A 272 7.86 -13.43 15.17
C HIS A 272 9.18 -12.75 15.39
N PHE A 273 9.23 -11.44 15.24
CA PHE A 273 10.47 -10.72 15.45
C PHE A 273 10.14 -9.48 16.31
N LYS A 286 10.95 -3.41 16.80
CA LYS A 286 10.18 -4.19 15.83
C LYS A 286 10.21 -3.53 14.42
N GLN A 287 9.64 -4.24 13.43
CA GLN A 287 9.59 -3.79 12.04
C GLN A 287 8.36 -4.42 11.41
N ILE A 288 7.70 -3.66 10.53
CA ILE A 288 6.52 -4.17 9.85
C ILE A 288 6.75 -3.93 8.37
N PRO A 289 6.55 -4.90 7.49
CA PRO A 289 6.70 -4.60 6.06
C PRO A 289 5.61 -3.62 5.64
N CYS A 290 5.54 -3.35 4.36
CA CYS A 290 4.71 -2.26 3.89
C CYS A 290 4.28 -2.63 2.48
N VAL A 291 2.98 -2.70 2.21
CA VAL A 291 2.51 -3.04 0.88
C VAL A 291 1.97 -1.77 0.26
N VAL A 292 2.40 -1.48 -0.95
CA VAL A 292 1.87 -0.35 -1.70
C VAL A 292 1.19 -0.94 -2.91
N SER A 293 -0.11 -0.68 -3.07
CA SER A 293 -0.85 -1.29 -4.16
C SER A 293 -1.62 -0.30 -5.02
N MET A 294 -1.44 -0.44 -6.33
CA MET A 294 -2.19 0.25 -7.39
C MET A 294 -2.86 -0.76 -8.29
N LEU A 295 -2.99 -2.00 -7.80
CA LEU A 295 -3.65 -3.03 -8.53
C LEU A 295 -5.08 -2.60 -8.75
N THR A 296 -5.68 -3.08 -9.83
CA THR A 296 -7.07 -2.76 -10.16
C THR A 296 -7.94 -4.01 -10.15
N LYS A 297 -7.39 -5.15 -9.72
CA LYS A 297 -8.09 -6.41 -9.67
C LYS A 297 -7.46 -7.27 -8.61
N GLU A 298 -8.07 -8.43 -8.38
CA GLU A 298 -7.54 -9.40 -7.45
C GLU A 298 -6.53 -10.25 -8.21
N LEU A 299 -5.44 -10.59 -7.54
CA LEU A 299 -4.37 -11.35 -8.15
C LEU A 299 -4.28 -12.72 -7.51
N TYR A 300 -4.47 -13.76 -8.32
CA TYR A 300 -4.32 -15.14 -7.89
C TYR A 300 -3.29 -15.79 -8.80
N PHE A 301 -2.32 -16.48 -8.21
CA PHE A 301 -1.30 -17.17 -9.00
C PHE A 301 -1.81 -18.54 -9.49
N SER A 302 -2.94 -18.53 -10.19
CA SER A 302 -3.52 -19.78 -10.69
C SER A 302 -4.75 -19.54 -11.56
N GLN A 303 -5.00 -20.48 -12.49
CA GLN A 303 -6.27 -20.65 -13.25
C GLN A 303 -6.35 -19.64 -14.39
N THR B 51 -15.51 -15.48 -4.97
CA THR B 51 -15.78 -15.60 -3.54
C THR B 51 -14.57 -16.21 -2.85
N ARG B 52 -14.45 -15.93 -1.54
CA ARG B 52 -13.38 -16.44 -0.70
C ARG B 52 -13.97 -16.78 0.66
N ASP B 53 -13.26 -17.64 1.38
CA ASP B 53 -13.69 -18.01 2.72
C ASP B 53 -13.35 -16.89 3.71
N ARG B 54 -13.72 -17.08 4.98
CA ARG B 54 -13.45 -16.12 6.07
C ARG B 54 -12.93 -16.91 7.28
N VAL B 55 -11.60 -16.98 7.41
CA VAL B 55 -10.95 -17.82 8.41
C VAL B 55 -10.71 -16.98 9.66
N PRO B 56 -11.36 -17.29 10.79
CA PRO B 56 -11.54 -16.27 11.86
C PRO B 56 -10.25 -15.83 12.54
N THR B 57 -9.22 -16.67 12.57
CA THR B 57 -7.95 -16.19 13.08
C THR B 57 -7.16 -15.37 12.07
N TYR B 58 -7.67 -15.21 10.85
CA TYR B 58 -7.09 -14.26 9.91
C TYR B 58 -7.86 -12.96 9.77
N GLN B 59 -8.94 -12.76 10.54
CA GLN B 59 -9.65 -11.48 10.55
C GLN B 59 -9.43 -10.68 11.81
N TYR B 60 -9.69 -9.39 11.66
CA TYR B 60 -9.66 -8.47 12.77
C TYR B 60 -10.93 -8.73 13.55
N ASN B 61 -10.78 -8.84 14.84
CA ASN B 61 -11.88 -9.11 15.75
C ASN B 61 -12.83 -7.92 15.77
N MET B 62 -14.05 -8.11 15.24
CA MET B 62 -15.09 -7.09 15.26
C MET B 62 -16.12 -7.25 16.39
N ASN B 63 -15.87 -8.13 17.38
CA ASN B 63 -16.85 -8.31 18.46
C ASN B 63 -16.59 -7.27 19.56
N PHE B 64 -16.96 -6.04 19.26
CA PHE B 64 -16.82 -4.93 20.18
C PHE B 64 -18.13 -4.18 20.27
N GLU B 65 -18.24 -3.40 21.35
CA GLU B 65 -19.41 -2.58 21.58
C GLU B 65 -19.68 -1.67 20.38
N LYS B 66 -18.62 -1.11 19.78
CA LYS B 66 -18.77 -0.19 18.66
C LYS B 66 -17.74 -0.41 17.54
N LEU B 67 -18.17 -0.02 16.32
CA LEU B 67 -17.28 -0.13 15.17
C LEU B 67 -16.08 0.79 15.38
N GLY B 68 -16.35 2.04 15.79
CA GLY B 68 -15.30 2.98 16.11
C GLY B 68 -15.61 4.39 15.63
N LYS B 69 -14.72 5.33 15.99
CA LYS B 69 -14.81 6.72 15.59
C LYS B 69 -14.45 6.88 14.12
N CYS B 70 -15.04 7.90 13.46
CA CYS B 70 -14.77 8.23 12.04
C CYS B 70 -14.78 9.75 11.91
N ILE B 71 -13.61 10.35 12.08
CA ILE B 71 -13.41 11.78 11.92
C ILE B 71 -13.27 12.14 10.44
N ILE B 72 -14.00 13.16 10.00
CA ILE B 72 -13.92 13.67 8.64
C ILE B 72 -13.52 15.13 8.72
N ILE B 73 -12.36 15.49 8.14
CA ILE B 73 -11.94 16.87 8.10
C ILE B 73 -12.25 17.39 6.71
N ASN B 74 -13.22 18.30 6.63
CA ASN B 74 -13.68 18.81 5.35
C ASN B 74 -13.15 20.24 5.17
N ASN B 75 -12.01 20.37 4.48
CA ASN B 75 -11.38 21.67 4.28
C ASN B 75 -11.73 22.20 2.90
N LYS B 76 -12.53 23.28 2.90
CA LYS B 76 -13.02 23.88 1.66
C LYS B 76 -12.50 25.30 1.40
N ASN B 77 -12.38 26.11 2.44
CA ASN B 77 -11.97 27.50 2.30
C ASN B 77 -10.63 27.68 3.00
N PHE B 78 -9.70 28.34 2.29
CA PHE B 78 -8.35 28.60 2.76
C PHE B 78 -8.02 30.09 2.79
N ASP B 79 -7.13 30.48 3.70
CA ASP B 79 -6.73 31.89 3.77
C ASP B 79 -6.04 32.31 2.48
N LYS B 80 -6.27 33.58 2.09
CA LYS B 80 -5.66 34.14 0.88
C LYS B 80 -4.17 33.86 0.88
N VAL B 81 -3.53 34.07 2.04
CA VAL B 81 -2.08 33.99 2.09
C VAL B 81 -1.52 32.66 1.60
N THR B 82 -2.34 31.60 1.53
CA THR B 82 -1.84 30.31 1.07
C THR B 82 -1.83 30.24 -0.44
N GLY B 83 -2.59 31.10 -1.10
CA GLY B 83 -2.69 30.99 -2.53
C GLY B 83 -3.56 29.84 -2.97
N MET B 84 -4.15 29.11 -2.03
CA MET B 84 -4.93 27.93 -2.38
C MET B 84 -6.36 28.43 -2.57
N GLY B 85 -7.07 27.80 -3.48
CA GLY B 85 -8.43 28.21 -3.79
C GLY B 85 -9.50 27.34 -3.16
N VAL B 86 -10.75 27.85 -3.28
CA VAL B 86 -11.91 27.15 -2.77
C VAL B 86 -11.97 25.78 -3.42
N ARG B 87 -12.19 24.74 -2.61
CA ARG B 87 -12.31 23.37 -3.15
C ARG B 87 -13.80 23.07 -3.40
N ASN B 88 -14.29 23.58 -4.52
CA ASN B 88 -15.66 23.29 -4.94
C ASN B 88 -15.83 21.78 -5.11
N GLY B 89 -16.93 21.27 -4.61
CA GLY B 89 -17.23 19.86 -4.66
C GLY B 89 -16.91 19.11 -3.38
N THR B 90 -16.14 19.72 -2.47
CA THR B 90 -15.78 18.98 -1.26
C THR B 90 -17.01 18.76 -0.35
N ASP B 91 -17.93 19.73 -0.25
CA ASP B 91 -19.13 19.49 0.56
C ASP B 91 -19.88 18.25 0.08
N LYS B 92 -20.04 18.07 -1.25
CA LYS B 92 -20.70 16.86 -1.73
C LYS B 92 -19.94 15.62 -1.27
N ASP B 93 -18.61 15.67 -1.31
CA ASP B 93 -17.82 14.54 -0.84
C ASP B 93 -18.01 14.30 0.65
N ALA B 94 -18.06 15.36 1.45
CA ALA B 94 -18.19 15.16 2.89
C ALA B 94 -19.57 14.63 3.26
N GLU B 95 -20.63 15.02 2.54
CA GLU B 95 -21.96 14.53 2.88
C GLU B 95 -22.07 13.06 2.50
N ALA B 96 -21.46 12.68 1.39
CA ALA B 96 -21.54 11.30 0.94
C ALA B 96 -20.69 10.40 1.79
N LEU B 97 -19.57 10.92 2.29
CA LEU B 97 -18.72 10.07 3.12
C LEU B 97 -19.29 9.88 4.50
N PHE B 98 -19.95 10.92 5.06
CA PHE B 98 -20.47 10.77 6.42
C PHE B 98 -21.68 9.87 6.44
N LYS B 99 -22.49 9.89 5.38
CA LYS B 99 -23.66 9.04 5.29
C LYS B 99 -23.21 7.60 5.08
N CYS B 100 -22.14 7.46 4.31
CA CYS B 100 -21.56 6.17 4.01
C CYS B 100 -20.96 5.51 5.24
N PHE B 101 -20.15 6.26 6.00
CA PHE B 101 -19.51 5.64 7.15
C PHE B 101 -20.49 5.47 8.30
N ARG B 102 -21.57 6.25 8.33
CA ARG B 102 -22.60 6.03 9.33
C ARG B 102 -23.30 4.69 9.08
N SER B 103 -23.68 4.43 7.81
CA SER B 103 -24.29 3.15 7.46
C SER B 103 -23.42 1.98 7.86
N LEU B 104 -22.10 2.13 7.82
CA LEU B 104 -21.22 1.03 8.18
C LEU B 104 -21.27 0.77 9.68
N GLY B 105 -21.58 1.79 10.46
CA GLY B 105 -21.63 1.64 11.90
C GLY B 105 -20.65 2.52 12.65
N PHE B 106 -20.03 3.49 11.95
CA PHE B 106 -19.10 4.39 12.60
C PHE B 106 -19.86 5.52 13.31
N ASP B 107 -19.24 6.07 14.33
CA ASP B 107 -19.68 7.29 15.01
C ASP B 107 -18.96 8.43 14.28
N VAL B 108 -19.55 8.96 13.23
CA VAL B 108 -18.85 9.99 12.46
C VAL B 108 -19.07 11.42 12.97
N ILE B 109 -17.96 12.16 13.03
CA ILE B 109 -17.91 13.58 13.35
C ILE B 109 -17.33 14.31 12.15
N VAL B 110 -17.93 15.42 11.73
CA VAL B 110 -17.47 16.13 10.55
C VAL B 110 -17.00 17.53 10.96
N TYR B 111 -15.69 17.80 10.81
CA TYR B 111 -15.08 19.11 11.05
C TYR B 111 -14.96 19.85 9.74
N ASN B 112 -14.93 21.20 9.79
CA ASN B 112 -14.92 22.00 8.56
C ASN B 112 -13.96 23.19 8.62
N ASP B 113 -13.27 23.43 7.50
CA ASP B 113 -12.34 24.54 7.37
C ASP B 113 -11.43 24.67 8.58
N CYS B 114 -10.75 23.56 8.91
CA CYS B 114 -9.89 23.54 10.09
C CYS B 114 -8.54 24.21 9.86
N SER B 115 -8.02 24.84 10.92
CA SER B 115 -6.64 25.34 10.86
C SER B 115 -5.69 24.16 11.08
N CYS B 116 -4.39 24.43 11.00
CA CYS B 116 -3.41 23.36 11.21
C CYS B 116 -3.36 22.98 12.68
N ALA B 117 -3.47 23.97 13.57
CA ALA B 117 -3.43 23.65 14.98
C ALA B 117 -4.66 22.86 15.39
N LYS B 118 -5.80 23.17 14.77
CA LYS B 118 -7.02 22.44 15.06
C LYS B 118 -6.90 20.99 14.61
N MET B 119 -6.49 20.77 13.34
CA MET B 119 -6.31 19.40 12.86
C MET B 119 -5.39 18.60 13.79
N GLN B 120 -4.31 19.23 14.27
CA GLN B 120 -3.41 18.51 15.15
C GLN B 120 -4.09 18.23 16.49
N ASP B 121 -4.78 19.25 17.03
CA ASP B 121 -5.41 19.12 18.34
C ASP B 121 -6.50 18.07 18.36
N LEU B 122 -7.45 18.15 17.42
CA LEU B 122 -8.55 17.17 17.41
C LEU B 122 -8.03 15.75 17.24
N LEU B 123 -7.01 15.55 16.40
CA LEU B 123 -6.52 14.20 16.21
C LEU B 123 -5.73 13.72 17.43
N LYS B 124 -4.96 14.60 18.06
CA LYS B 124 -4.26 14.22 19.28
C LYS B 124 -5.25 13.88 20.40
N LYS B 125 -6.30 14.70 20.54
CA LYS B 125 -7.31 14.39 21.55
C LYS B 125 -8.06 13.12 21.19
N ALA B 126 -8.42 12.95 19.93
CA ALA B 126 -9.06 11.69 19.56
C ALA B 126 -8.20 10.48 19.93
N SER B 127 -6.86 10.61 19.86
CA SER B 127 -6.02 9.46 20.22
C SER B 127 -5.92 9.30 21.73
N GLU B 128 -6.21 10.35 22.48
CA GLU B 128 -6.15 10.22 23.93
C GLU B 128 -7.47 9.70 24.48
N GLU B 129 -8.50 9.50 23.65
CA GLU B 129 -9.74 8.95 24.15
C GLU B 129 -9.55 7.46 24.41
N ASP B 130 -10.59 6.83 24.94
CA ASP B 130 -10.54 5.42 25.28
C ASP B 130 -11.23 4.65 24.15
N HIS B 131 -10.47 3.82 23.44
CA HIS B 131 -10.97 3.09 22.28
C HIS B 131 -11.22 1.61 22.56
N THR B 132 -11.08 1.20 23.82
CA THR B 132 -11.28 -0.17 24.31
C THR B 132 -12.54 -0.81 23.76
N ASN B 133 -13.60 -0.03 23.60
CA ASN B 133 -14.87 -0.57 23.16
C ASN B 133 -15.08 -0.52 21.67
N ALA B 134 -14.08 -0.08 20.92
CA ALA B 134 -14.17 0.08 19.48
C ALA B 134 -13.30 -0.94 18.76
N ALA B 135 -13.83 -1.46 17.64
CA ALA B 135 -13.08 -2.39 16.79
C ALA B 135 -12.02 -1.71 15.94
N CYS B 136 -12.18 -0.42 15.64
CA CYS B 136 -11.22 0.25 14.78
C CYS B 136 -11.42 1.76 14.86
N PHE B 137 -10.72 2.47 13.98
CA PHE B 137 -10.76 3.92 13.92
C PHE B 137 -10.57 4.35 12.47
N ALA B 138 -11.11 5.51 12.14
CA ALA B 138 -11.01 5.95 10.75
C ALA B 138 -10.96 7.46 10.71
N CYS B 139 -10.19 7.96 9.77
CA CYS B 139 -10.02 9.40 9.62
C CYS B 139 -10.02 9.68 8.13
N ILE B 140 -10.73 10.72 7.71
CA ILE B 140 -10.85 11.06 6.30
C ILE B 140 -10.46 12.53 6.14
N LEU B 141 -9.39 12.79 5.40
CA LEU B 141 -8.89 14.16 5.20
C LEU B 141 -9.25 14.61 3.80
N LEU B 142 -9.91 15.76 3.69
CA LEU B 142 -10.34 16.35 2.42
C LEU B 142 -9.75 17.76 2.40
N SER B 143 -8.74 17.99 1.58
CA SER B 143 -8.07 19.29 1.66
C SER B 143 -7.14 19.39 0.47
N HIS B 144 -6.37 20.48 0.44
CA HIS B 144 -5.28 20.60 -0.53
C HIS B 144 -4.09 19.84 0.05
N GLY B 145 -3.21 19.39 -0.83
CA GLY B 145 -2.00 18.74 -0.33
C GLY B 145 -0.90 18.77 -1.36
N GLU B 146 0.28 18.39 -0.87
CA GLU B 146 1.56 18.36 -1.59
C GLU B 146 2.39 17.27 -0.94
N GLU B 147 3.43 16.85 -1.63
CA GLU B 147 4.22 15.70 -1.18
C GLU B 147 4.43 15.71 0.33
N ASN B 148 3.92 14.67 0.98
CA ASN B 148 4.06 14.43 2.40
C ASN B 148 3.30 15.41 3.32
N VAL B 149 2.52 16.38 2.80
CA VAL B 149 1.88 17.39 3.64
C VAL B 149 0.44 17.61 3.20
N ILE B 150 -0.37 18.04 4.17
CA ILE B 150 -1.78 18.34 3.95
C ILE B 150 -2.02 19.79 4.40
N TYR B 151 -2.86 20.50 3.69
CA TYR B 151 -3.17 21.88 4.04
C TYR B 151 -4.27 22.05 5.08
N GLY B 152 -4.05 22.99 6.00
CA GLY B 152 -5.08 23.56 6.83
C GLY B 152 -5.52 24.87 6.20
N LYS B 153 -6.40 25.61 6.88
CA LYS B 153 -6.73 26.86 6.21
C LYS B 153 -5.62 27.91 6.35
N ASP B 154 -4.82 27.85 7.41
CA ASP B 154 -3.71 28.78 7.59
C ASP B 154 -2.43 28.32 6.91
N GLY B 155 -2.27 27.03 6.65
CA GLY B 155 -1.03 26.59 6.04
C GLY B 155 -0.89 25.10 5.86
N VAL B 156 0.23 24.53 6.30
CA VAL B 156 0.57 23.17 5.92
C VAL B 156 1.11 22.38 7.10
N THR B 157 0.82 21.08 7.10
CA THR B 157 1.27 20.25 8.20
C THR B 157 1.56 18.85 7.66
N PRO B 158 2.65 18.22 8.12
CA PRO B 158 3.00 16.88 7.62
C PRO B 158 1.94 15.84 7.95
N ILE B 159 1.57 15.04 6.95
CA ILE B 159 0.61 13.97 7.18
C ILE B 159 1.13 13.00 8.23
N LYS B 160 2.44 12.81 8.28
CA LYS B 160 3.02 11.90 9.27
C LYS B 160 2.82 12.41 10.67
N ASP B 161 2.81 13.73 10.86
CA ASP B 161 2.56 14.25 12.20
C ASP B 161 1.11 14.04 12.62
N LEU B 162 0.17 14.04 11.66
CA LEU B 162 -1.22 13.88 12.06
C LEU B 162 -1.51 12.43 12.42
N THR B 163 -0.98 11.49 11.64
CA THR B 163 -1.24 10.08 11.91
C THR B 163 -0.40 9.51 13.05
N ALA B 164 0.71 10.17 13.42
CA ALA B 164 1.57 9.63 14.47
C ALA B 164 0.83 9.48 15.80
N HIS B 165 -0.12 10.36 16.07
CA HIS B 165 -0.85 10.32 17.35
C HIS B 165 -1.43 8.94 17.62
N PHE B 166 -1.76 8.18 16.57
CA PHE B 166 -2.40 6.87 16.77
C PHE B 166 -1.42 5.71 16.77
N ARG B 167 -0.12 5.98 16.86
CA ARG B 167 0.86 4.89 16.95
C ARG B 167 0.63 4.09 18.21
N GLY B 168 0.91 2.79 18.12
CA GLY B 168 0.75 1.91 19.27
C GLY B 168 1.26 2.43 20.60
N ASP B 169 2.45 3.04 20.61
CA ASP B 169 3.01 3.54 21.86
C ASP B 169 2.41 4.87 22.29
N ARG B 170 1.55 5.48 21.49
CA ARG B 170 0.94 6.75 21.85
C ARG B 170 -0.56 6.64 22.02
N CYS B 171 -1.15 5.48 21.71
CA CYS B 171 -2.59 5.31 21.69
C CYS B 171 -2.79 3.84 21.99
N LYS B 172 -2.62 3.49 23.27
CA LYS B 172 -2.58 2.08 23.61
C LYS B 172 -3.94 1.40 23.42
N THR B 173 -5.06 2.13 23.48
CA THR B 173 -6.34 1.41 23.35
C THR B 173 -6.71 1.07 21.91
N LEU B 174 -5.96 1.56 20.92
CA LEU B 174 -6.18 1.20 19.52
C LEU B 174 -5.14 0.18 19.07
N LEU B 175 -4.23 -0.19 19.97
CA LEU B 175 -3.23 -1.20 19.70
C LEU B 175 -3.86 -2.50 19.20
N GLU B 176 -3.31 -3.04 18.11
CA GLU B 176 -3.76 -4.25 17.42
C GLU B 176 -5.06 -4.07 16.67
N LYS B 177 -5.54 -2.85 16.55
CA LYS B 177 -6.76 -2.55 15.82
C LYS B 177 -6.45 -1.70 14.59
N PRO B 178 -7.20 -1.87 13.52
CA PRO B 178 -6.89 -1.09 12.30
C PRO B 178 -7.25 0.37 12.47
N LYS B 179 -6.35 1.22 11.97
CA LYS B 179 -6.43 2.66 12.00
C LYS B 179 -6.43 3.11 10.54
N LEU B 180 -7.61 3.27 9.96
CA LEU B 180 -7.72 3.65 8.56
C LEU B 180 -7.62 5.15 8.35
N PHE B 181 -6.95 5.54 7.27
CA PHE B 181 -6.82 6.95 6.92
C PHE B 181 -7.08 7.05 5.43
N PHE B 182 -8.06 7.84 5.05
CA PHE B 182 -8.46 8.03 3.66
C PHE B 182 -8.13 9.47 3.36
N ILE B 183 -7.35 9.71 2.31
CA ILE B 183 -6.88 11.05 2.03
C ILE B 183 -7.19 11.45 0.60
N GLN B 184 -7.95 12.53 0.45
CA GLN B 184 -8.28 13.12 -0.83
C GLN B 184 -7.59 14.48 -0.76
N ALA B 185 -6.37 14.56 -1.28
CA ALA B 185 -5.56 15.78 -1.21
C ALA B 185 -5.32 16.25 -2.64
N CYS B 186 -6.00 17.34 -3.02
CA CYS B 186 -5.93 17.91 -4.35
C CYS B 186 -4.49 18.33 -4.60
N ARG B 187 -3.99 18.05 -5.80
CA ARG B 187 -2.58 18.34 -6.16
C ARG B 187 -2.35 19.78 -6.61
N PRO B 214 4.81 -3.92 16.71
CA PRO B 214 5.34 -2.81 15.90
C PRO B 214 4.50 -1.52 16.03
N VAL B 215 5.15 -0.36 16.20
CA VAL B 215 4.42 0.91 16.34
C VAL B 215 3.70 1.35 15.07
N GLU B 216 3.93 0.67 13.92
CA GLU B 216 3.26 0.99 12.67
C GLU B 216 2.42 -0.14 12.11
N ALA B 217 2.34 -1.29 12.78
CA ALA B 217 1.36 -2.26 12.34
C ALA B 217 -0.06 -1.71 12.45
N ASP B 218 -0.94 -2.30 11.65
CA ASP B 218 -2.36 -2.03 11.69
C ASP B 218 -2.76 -0.66 11.17
N PHE B 219 -1.88 0.03 10.44
CA PHE B 219 -2.28 1.25 9.75
C PHE B 219 -2.64 0.90 8.31
N LEU B 220 -3.39 1.79 7.67
CA LEU B 220 -3.72 1.62 6.26
C LEU B 220 -4.11 2.99 5.75
N PHE B 221 -3.46 3.41 4.66
CA PHE B 221 -3.67 4.70 4.02
C PHE B 221 -4.20 4.48 2.61
N ALA B 222 -5.25 5.19 2.27
CA ALA B 222 -5.83 5.13 0.93
C ALA B 222 -5.73 6.56 0.43
N TYR B 223 -4.71 6.87 -0.39
CA TYR B 223 -4.53 8.18 -0.98
C TYR B 223 -5.33 8.28 -2.26
N SER B 224 -5.79 9.50 -2.57
CA SER B 224 -6.67 9.68 -3.73
C SER B 224 -5.90 9.59 -5.02
N THR B 225 -4.58 9.73 -4.96
CA THR B 225 -3.76 9.84 -6.16
C THR B 225 -2.31 9.53 -5.81
N VAL B 226 -1.68 8.63 -6.57
CA VAL B 226 -0.27 8.29 -6.37
C VAL B 226 0.56 9.58 -6.49
N SER B 231 -4.76 14.99 -8.26
CA SER B 231 -6.08 14.39 -8.01
C SER B 231 -7.29 15.25 -8.42
N TRP B 232 -8.22 14.63 -9.15
CA TRP B 232 -9.36 15.30 -9.74
C TRP B 232 -10.63 15.31 -8.89
N ARG B 233 -11.41 16.37 -9.11
CA ARG B 233 -12.66 16.63 -8.40
C ARG B 233 -13.58 17.37 -9.38
N SER B 234 -14.78 16.85 -9.57
CA SER B 234 -15.75 17.51 -10.44
C SER B 234 -16.50 18.53 -9.60
N PRO B 235 -16.41 19.83 -9.93
CA PRO B 235 -17.03 20.86 -9.06
C PRO B 235 -18.52 20.63 -8.77
N GLY B 236 -19.24 19.98 -9.69
CA GLY B 236 -20.64 19.73 -9.51
C GLY B 236 -20.93 18.32 -9.05
N ARG B 237 -19.95 17.42 -9.12
CA ARG B 237 -20.18 16.02 -8.80
C ARG B 237 -19.36 15.48 -7.64
N GLY B 238 -18.24 16.10 -7.29
CA GLY B 238 -17.38 15.66 -6.20
C GLY B 238 -16.14 14.98 -6.76
N SER B 239 -15.19 14.67 -5.88
CA SER B 239 -14.01 13.98 -6.39
C SER B 239 -14.39 12.56 -6.83
N TRP B 240 -13.61 12.06 -7.80
CA TRP B 240 -13.85 10.75 -8.39
C TRP B 240 -13.62 9.63 -7.38
N PHE B 241 -12.51 9.73 -6.63
CA PHE B 241 -12.17 8.77 -5.58
C PHE B 241 -13.30 8.60 -4.56
N VAL B 242 -13.82 9.72 -4.06
CA VAL B 242 -14.85 9.68 -3.03
C VAL B 242 -16.12 9.05 -3.56
N GLN B 243 -16.58 9.51 -4.72
CA GLN B 243 -17.76 8.94 -5.35
C GLN B 243 -17.63 7.43 -5.47
N ALA B 244 -16.49 6.98 -6.00
CA ALA B 244 -16.26 5.56 -6.22
C ALA B 244 -16.24 4.79 -4.91
N LEU B 245 -15.56 5.35 -3.91
CA LEU B 245 -15.47 4.71 -2.60
C LEU B 245 -16.87 4.52 -2.01
N CYS B 246 -17.62 5.62 -1.89
CA CYS B 246 -18.97 5.55 -1.32
C CYS B 246 -19.86 4.54 -2.07
N SER B 247 -19.89 4.61 -3.39
CA SER B 247 -20.64 3.64 -4.17
C SER B 247 -20.26 2.20 -3.80
N ILE B 248 -18.95 1.89 -3.80
CA ILE B 248 -18.54 0.52 -3.50
C ILE B 248 -18.93 0.15 -2.07
N LEU B 249 -18.70 1.05 -1.10
CA LEU B 249 -19.07 0.78 0.29
C LEU B 249 -20.56 0.51 0.49
N GLU B 250 -21.45 1.27 -0.17
CA GLU B 250 -22.89 0.98 -0.01
C GLU B 250 -23.21 -0.44 -0.47
N GLU B 251 -22.66 -0.86 -1.59
CA GLU B 251 -23.04 -2.14 -2.14
C GLU B 251 -22.31 -3.27 -1.46
N HIS B 252 -21.10 -3.04 -0.97
CA HIS B 252 -20.32 -4.16 -0.47
C HIS B 252 -19.57 -3.89 0.81
N GLY B 253 -19.85 -2.78 1.50
CA GLY B 253 -19.12 -2.44 2.70
C GLY B 253 -19.19 -3.49 3.77
N LYS B 254 -20.23 -4.34 3.77
CA LYS B 254 -20.38 -5.32 4.83
C LYS B 254 -20.09 -6.74 4.39
N ASP B 255 -19.79 -6.95 3.10
CA ASP B 255 -19.46 -8.26 2.57
C ASP B 255 -18.13 -8.38 1.84
N LEU B 256 -17.35 -7.29 1.70
CA LEU B 256 -16.02 -7.37 1.10
C LEU B 256 -14.95 -6.94 2.08
N GLU B 257 -13.77 -7.54 1.94
CA GLU B 257 -12.64 -7.18 2.78
C GLU B 257 -12.09 -5.81 2.29
N ILE B 258 -11.48 -5.05 3.22
CA ILE B 258 -11.06 -3.67 2.93
C ILE B 258 -10.22 -3.58 1.65
N MET B 259 -9.21 -4.48 1.47
CA MET B 259 -8.40 -4.46 0.25
C MET B 259 -9.25 -4.75 -1.00
N GLN B 260 -10.26 -5.65 -0.89
CA GLN B 260 -11.11 -5.86 -2.06
C GLN B 260 -11.91 -4.62 -2.38
N ILE B 261 -12.34 -3.87 -1.37
CA ILE B 261 -13.07 -2.65 -1.62
C ILE B 261 -12.17 -1.63 -2.30
N LEU B 262 -10.98 -1.36 -1.71
CA LEU B 262 -10.07 -0.36 -2.27
C LEU B 262 -9.55 -0.77 -3.66
N THR B 263 -9.38 -2.06 -3.93
CA THR B 263 -8.96 -2.44 -5.27
C THR B 263 -10.03 -2.09 -6.29
N ARG B 264 -11.31 -2.32 -5.95
CA ARG B 264 -12.40 -1.96 -6.86
C ARG B 264 -12.50 -0.45 -7.06
N VAL B 265 -12.15 0.31 -6.03
CA VAL B 265 -12.11 1.78 -6.13
C VAL B 265 -10.98 2.19 -7.05
N ASN B 266 -9.84 1.49 -6.95
CA ASN B 266 -8.72 1.74 -7.87
C ASN B 266 -9.18 1.54 -9.32
N ASP B 267 -9.86 0.43 -9.59
CA ASP B 267 -10.31 0.17 -10.95
C ASP B 267 -11.37 1.17 -11.41
N ARG B 268 -12.19 1.69 -10.49
CA ARG B 268 -13.26 2.58 -10.91
C ARG B 268 -12.70 3.95 -11.28
N VAL B 269 -11.80 4.51 -10.46
CA VAL B 269 -11.18 5.78 -10.82
C VAL B 269 -10.43 5.65 -12.13
N ALA B 270 -9.68 4.56 -12.28
CA ALA B 270 -8.89 4.32 -13.49
C ALA B 270 -9.77 4.17 -14.73
N ARG B 271 -10.82 3.35 -14.64
CA ARG B 271 -11.66 3.07 -15.81
C ARG B 271 -12.88 3.99 -15.97
N HIS B 272 -13.54 4.39 -14.89
CA HIS B 272 -14.81 5.08 -15.09
C HIS B 272 -14.63 6.56 -15.38
N PHE B 273 -13.42 7.07 -15.21
CA PHE B 273 -13.15 8.45 -15.54
C PHE B 273 -12.03 8.54 -16.57
N LYS B 286 -5.85 11.48 -16.46
CA LYS B 286 -6.21 10.26 -15.74
C LYS B 286 -5.65 10.25 -14.29
N GLN B 287 -6.09 9.27 -13.49
CA GLN B 287 -5.76 9.22 -12.08
C GLN B 287 -5.65 7.77 -11.60
N ILE B 288 -4.82 7.53 -10.59
CA ILE B 288 -4.79 6.21 -9.95
C ILE B 288 -4.63 6.36 -8.44
N PRO B 289 -5.54 5.81 -7.63
CA PRO B 289 -5.35 5.84 -6.19
C PRO B 289 -4.26 4.89 -5.75
N CYS B 290 -3.87 5.06 -4.50
CA CYS B 290 -2.72 4.42 -3.90
C CYS B 290 -3.06 3.91 -2.50
N VAL B 291 -3.02 2.58 -2.28
CA VAL B 291 -3.26 2.01 -0.96
C VAL B 291 -1.94 1.54 -0.36
N VAL B 292 -1.61 2.01 0.85
CA VAL B 292 -0.44 1.55 1.62
C VAL B 292 -0.98 0.77 2.81
N SER B 293 -0.72 -0.54 2.86
CA SER B 293 -1.24 -1.34 3.94
C SER B 293 -0.13 -1.88 4.84
N MET B 294 -0.29 -1.64 6.14
CA MET B 294 0.51 -2.24 7.21
C MET B 294 -0.38 -3.16 8.03
N LEU B 295 -1.57 -3.49 7.53
CA LEU B 295 -2.51 -4.31 8.31
C LEU B 295 -1.97 -5.72 8.47
N THR B 296 -2.27 -6.33 9.62
CA THR B 296 -1.81 -7.66 9.95
C THR B 296 -2.89 -8.72 9.81
N LYS B 297 -4.13 -8.33 9.53
CA LYS B 297 -5.28 -9.22 9.42
C LYS B 297 -6.22 -8.72 8.33
N GLU B 298 -7.19 -9.56 7.96
CA GLU B 298 -8.24 -9.11 7.04
C GLU B 298 -9.26 -8.27 7.81
N LEU B 299 -9.75 -7.22 7.18
CA LEU B 299 -10.71 -6.35 7.83
C LEU B 299 -12.05 -6.44 7.11
N TYR B 300 -13.08 -6.82 7.87
CA TYR B 300 -14.45 -6.91 7.41
C TYR B 300 -15.21 -6.00 8.36
N PHE B 301 -16.13 -5.20 7.83
CA PHE B 301 -16.81 -4.24 8.69
C PHE B 301 -18.01 -4.84 9.43
N SER B 302 -18.37 -6.09 9.16
CA SER B 302 -19.50 -6.74 9.84
C SER B 302 -18.94 -7.80 10.77
#